data_2J4T
#
_entry.id   2J4T
#
_cell.length_a   97.472
_cell.length_b   31.422
_cell.length_c   95.471
_cell.angle_alpha   90.00
_cell.angle_beta   118.85
_cell.angle_gamma   90.00
#
_symmetry.space_group_name_H-M   'C 1 2 1'
#
loop_
_entity.id
_entity.type
_entity.pdbx_description
1 polymer ANGIOGENIN-4
2 water water
#
_entity_poly.entity_id   1
_entity_poly.type   'polypeptide(L)'
_entity_poly.pdbx_seq_one_letter_code
;MTMSPCPLLLVFVLGLVVIPPTLAQNERYEKFLRQHYDAKPQGRDDRYCESMMKERKLTSPCKDVNTFIHGTKKNIRAIC
GKKGSPYGENFRISNSPFQITTCTHSRGSPWPPCGYRAFKDFRYIVIACEDGWPVHFDESFISP
;
_entity_poly.pdbx_strand_id   A,B
#
# COMPACT_ATOMS: atom_id res chain seq x y z
N ASN A 26 12.79 1.14 -20.11
CA ASN A 26 11.86 0.15 -19.50
C ASN A 26 10.49 0.29 -20.16
N GLU A 27 10.17 -0.64 -21.04
CA GLU A 27 8.92 -0.59 -21.78
C GLU A 27 7.66 -0.84 -20.92
N ARG A 28 7.73 -1.78 -19.97
CA ARG A 28 6.58 -2.06 -19.14
C ARG A 28 6.19 -0.80 -18.37
N TYR A 29 7.19 -0.05 -17.93
CA TYR A 29 6.95 1.19 -17.22
C TYR A 29 6.28 2.17 -18.20
N GLU A 30 6.76 2.16 -19.44
CA GLU A 30 6.23 3.03 -20.50
C GLU A 30 4.76 2.79 -20.78
N LYS A 31 4.36 1.53 -20.89
CA LYS A 31 2.96 1.21 -21.15
C LYS A 31 2.08 1.74 -20.03
N PHE A 32 2.58 1.69 -18.81
CA PHE A 32 1.85 2.19 -17.62
C PHE A 32 1.58 3.70 -17.72
N LEU A 33 2.62 4.48 -18.04
CA LEU A 33 2.49 5.91 -18.19
C LEU A 33 1.55 6.26 -19.34
N ARG A 34 1.64 5.50 -20.43
CA ARG A 34 0.76 5.76 -21.57
C ARG A 34 -0.70 5.57 -21.17
N GLN A 35 -0.99 4.44 -20.54
CA GLN A 35 -2.36 4.12 -20.12
C GLN A 35 -2.89 4.84 -18.88
N HIS A 36 -2.00 5.20 -17.96
CA HIS A 36 -2.47 5.79 -16.71
C HIS A 36 -1.88 7.12 -16.24
N TYR A 37 -1.15 7.83 -17.09
CA TYR A 37 -0.54 9.08 -16.64
C TYR A 37 -0.77 10.31 -17.50
N ASP A 38 -1.03 11.42 -16.82
CA ASP A 38 -1.22 12.72 -17.47
C ASP A 38 -0.92 13.79 -16.43
N ALA A 39 0.32 14.28 -16.47
CA ALA A 39 0.78 15.28 -15.50
C ALA A 39 -0.15 16.48 -15.37
N LYS A 40 -0.38 17.17 -16.49
CA LYS A 40 -1.22 18.36 -16.49
C LYS A 40 -2.38 18.23 -17.44
N PRO A 41 -3.55 17.82 -16.92
CA PRO A 41 -4.77 17.64 -17.71
C PRO A 41 -5.46 18.97 -17.92
N GLN A 42 -6.46 18.97 -18.80
CA GLN A 42 -7.22 20.18 -19.09
C GLN A 42 -8.67 19.76 -19.28
N GLY A 43 -9.57 20.41 -18.56
CA GLY A 43 -10.99 20.10 -18.69
C GLY A 43 -11.47 18.96 -17.81
N ARG A 44 -10.72 17.87 -17.76
CA ARG A 44 -11.10 16.71 -16.97
C ARG A 44 -12.59 16.40 -17.04
N ASP A 45 -13.20 16.62 -18.20
CA ASP A 45 -14.62 16.35 -18.37
C ASP A 45 -14.76 15.19 -19.35
N ASP A 46 -15.98 14.98 -19.83
CA ASP A 46 -16.25 13.88 -20.77
C ASP A 46 -15.42 13.97 -22.04
N ARG A 47 -15.28 15.18 -22.59
CA ARG A 47 -14.52 15.37 -23.82
C ARG A 47 -13.05 15.04 -23.60
N TYR A 48 -12.58 15.23 -22.37
CA TYR A 48 -11.19 14.94 -22.03
C TYR A 48 -10.92 13.43 -22.14
N CYS A 49 -11.89 12.65 -21.71
CA CYS A 49 -11.78 11.19 -21.74
C CYS A 49 -11.78 10.60 -23.13
N GLU A 50 -12.72 11.05 -23.96
CA GLU A 50 -12.81 10.54 -25.32
C GLU A 50 -11.55 10.88 -26.10
N SER A 51 -11.04 12.10 -25.92
CA SER A 51 -9.83 12.51 -26.61
C SER A 51 -8.62 11.74 -26.09
N MET A 52 -8.52 11.62 -24.76
CA MET A 52 -7.40 10.91 -24.14
C MET A 52 -7.34 9.43 -24.52
N MET A 53 -8.46 8.72 -24.37
CA MET A 53 -8.50 7.30 -24.67
C MET A 53 -8.09 7.04 -26.11
N LYS A 54 -8.47 7.94 -27.02
CA LYS A 54 -8.12 7.78 -28.42
C LYS A 54 -6.63 8.05 -28.58
N GLU A 55 -6.17 9.12 -27.96
CA GLU A 55 -4.77 9.53 -28.06
C GLU A 55 -3.81 8.49 -27.48
N ARG A 56 -4.19 7.86 -26.38
CA ARG A 56 -3.32 6.85 -25.76
C ARG A 56 -3.54 5.44 -26.32
N LYS A 57 -4.34 5.33 -27.37
CA LYS A 57 -4.62 4.05 -28.04
C LYS A 57 -5.33 2.98 -27.20
N LEU A 58 -6.39 3.37 -26.50
CA LEU A 58 -7.14 2.42 -25.68
C LEU A 58 -8.55 2.19 -26.21
N THR A 59 -8.74 2.40 -27.50
CA THR A 59 -10.06 2.25 -28.09
C THR A 59 -10.19 1.03 -29.00
N SER A 60 -9.17 0.19 -29.04
CA SER A 60 -9.20 -1.00 -29.88
C SER A 60 -8.84 -2.26 -29.09
N PRO A 61 -9.83 -2.87 -28.42
CA PRO A 61 -11.22 -2.39 -28.41
C PRO A 61 -11.36 -1.30 -27.35
N CYS A 62 -12.56 -0.74 -27.21
CA CYS A 62 -12.75 0.31 -26.21
C CYS A 62 -12.42 -0.27 -24.83
N LYS A 63 -11.50 0.35 -24.11
CA LYS A 63 -11.21 -0.16 -22.79
C LYS A 63 -12.44 0.19 -21.95
N ASP A 64 -12.84 -0.72 -21.07
CA ASP A 64 -14.03 -0.53 -20.24
C ASP A 64 -13.92 0.61 -19.23
N VAL A 65 -12.87 0.59 -18.42
CA VAL A 65 -12.64 1.63 -17.43
C VAL A 65 -11.15 1.90 -17.42
N ASN A 66 -10.77 3.16 -17.30
CA ASN A 66 -9.36 3.50 -17.31
C ASN A 66 -9.16 4.78 -16.52
N THR A 67 -8.21 4.76 -15.61
CA THR A 67 -7.94 5.91 -14.78
C THR A 67 -6.59 6.54 -15.06
N PHE A 68 -6.58 7.86 -15.13
CA PHE A 68 -5.36 8.62 -15.34
C PHE A 68 -4.99 9.25 -14.01
N ILE A 69 -3.71 9.19 -13.66
CA ILE A 69 -3.22 9.76 -12.42
C ILE A 69 -2.56 11.07 -12.75
N HIS A 70 -2.78 12.09 -11.92
CA HIS A 70 -2.21 13.39 -12.16
C HIS A 70 -1.08 13.68 -11.19
N GLY A 71 -0.31 14.74 -11.45
CA GLY A 71 0.81 15.08 -10.60
C GLY A 71 2.11 14.75 -11.30
N THR A 72 3.13 14.36 -10.53
CA THR A 72 4.43 14.03 -11.13
C THR A 72 4.63 12.52 -11.16
N LYS A 73 5.65 12.07 -11.90
CA LYS A 73 5.96 10.65 -12.02
C LYS A 73 6.83 10.16 -10.87
N LYS A 74 7.59 11.05 -10.25
CA LYS A 74 8.45 10.65 -9.14
C LYS A 74 7.62 10.16 -7.96
N ASN A 75 6.45 10.76 -7.76
CA ASN A 75 5.59 10.34 -6.65
C ASN A 75 4.85 9.03 -6.91
N ILE A 76 4.68 8.67 -8.18
CA ILE A 76 3.99 7.45 -8.52
C ILE A 76 4.94 6.26 -8.34
N ARG A 77 6.19 6.44 -8.74
CA ARG A 77 7.20 5.40 -8.59
C ARG A 77 7.57 5.26 -7.11
N ALA A 78 7.44 6.35 -6.35
CA ALA A 78 7.77 6.30 -4.93
C ALA A 78 6.88 5.30 -4.21
N ILE A 79 5.71 5.01 -4.79
CA ILE A 79 4.80 4.06 -4.19
C ILE A 79 5.45 2.68 -4.20
N CYS A 80 6.43 2.50 -5.09
CA CYS A 80 7.14 1.23 -5.17
C CYS A 80 8.25 1.23 -4.11
N GLY A 81 8.47 2.39 -3.50
CA GLY A 81 9.49 2.52 -2.48
C GLY A 81 8.92 2.86 -1.12
N LYS A 82 9.64 3.71 -0.38
CA LYS A 82 9.23 4.13 0.95
C LYS A 82 7.81 4.70 1.07
N LYS A 83 7.41 5.55 0.13
CA LYS A 83 6.07 6.16 0.19
C LYS A 83 4.94 5.21 -0.20
N GLY A 84 5.10 3.94 0.15
CA GLY A 84 4.09 2.95 -0.14
C GLY A 84 4.11 1.83 0.89
N SER A 85 3.12 0.94 0.80
CA SER A 85 3.00 -0.19 1.70
C SER A 85 2.48 -1.40 0.94
N PRO A 86 2.79 -2.62 1.41
CA PRO A 86 2.30 -3.79 0.69
C PRO A 86 0.79 -3.91 0.85
N TYR A 87 0.10 -4.25 -0.24
CA TYR A 87 -1.35 -4.41 -0.20
C TYR A 87 -1.62 -5.79 -0.80
N GLY A 88 -1.30 -6.82 -0.02
CA GLY A 88 -1.47 -8.17 -0.51
C GLY A 88 -0.09 -8.62 -0.94
N GLU A 89 -0.01 -9.73 -1.67
CA GLU A 89 1.29 -10.23 -2.11
C GLU A 89 1.88 -9.57 -3.35
N ASN A 90 1.02 -9.14 -4.28
CA ASN A 90 1.54 -8.54 -5.50
C ASN A 90 1.37 -7.03 -5.66
N PHE A 91 0.62 -6.39 -4.76
CA PHE A 91 0.40 -4.97 -4.90
C PHE A 91 0.90 -4.09 -3.78
N ARG A 92 0.93 -2.79 -4.06
CA ARG A 92 1.37 -1.74 -3.13
C ARG A 92 0.26 -0.69 -3.08
N ILE A 93 0.07 -0.05 -1.94
CA ILE A 93 -0.93 0.99 -1.83
C ILE A 93 -0.17 2.25 -1.47
N SER A 94 -0.64 3.40 -1.94
CA SER A 94 0.07 4.66 -1.65
C SER A 94 -0.13 5.15 -0.22
N ASN A 95 0.82 5.93 0.29
CA ASN A 95 0.71 6.48 1.63
C ASN A 95 -0.09 7.78 1.61
N SER A 96 -0.31 8.32 0.42
CA SER A 96 -1.07 9.56 0.30
C SER A 96 -2.01 9.46 -0.90
N PRO A 97 -3.04 10.33 -0.94
CA PRO A 97 -4.00 10.33 -2.05
C PRO A 97 -3.41 10.98 -3.31
N PHE A 98 -4.01 10.68 -4.46
CA PHE A 98 -3.58 11.26 -5.73
C PHE A 98 -4.79 11.82 -6.46
N GLN A 99 -4.58 12.91 -7.20
CA GLN A 99 -5.68 13.48 -7.96
C GLN A 99 -5.79 12.54 -9.15
N ILE A 100 -7.00 12.09 -9.47
CA ILE A 100 -7.17 11.15 -10.57
C ILE A 100 -8.46 11.34 -11.35
N THR A 101 -8.44 10.98 -12.63
CA THR A 101 -9.62 11.08 -13.46
C THR A 101 -9.94 9.70 -14.05
N THR A 102 -11.12 9.19 -13.75
CA THR A 102 -11.51 7.88 -14.27
C THR A 102 -12.40 8.05 -15.49
N CYS A 103 -12.09 7.31 -16.54
CA CYS A 103 -12.88 7.38 -17.76
C CYS A 103 -13.65 6.08 -17.90
N THR A 104 -14.98 6.17 -17.88
CA THR A 104 -15.81 4.98 -18.00
C THR A 104 -16.52 4.94 -19.35
N HIS A 105 -16.45 3.78 -19.98
CA HIS A 105 -17.04 3.55 -21.29
C HIS A 105 -18.57 3.55 -21.22
N SER A 106 -19.20 4.06 -22.27
CA SER A 106 -20.65 4.09 -22.35
C SER A 106 -21.03 2.66 -22.78
N ARG A 107 -20.83 1.73 -21.85
CA ARG A 107 -21.11 0.33 -22.12
C ARG A 107 -22.25 0.15 -23.10
N GLY A 108 -21.86 -0.04 -24.36
CA GLY A 108 -22.80 -0.19 -25.46
C GLY A 108 -22.27 0.53 -26.69
N SER A 109 -21.89 -0.25 -27.71
CA SER A 109 -21.36 0.25 -28.99
C SER A 109 -19.84 0.43 -29.03
N PRO A 110 -19.08 -0.67 -28.91
CA PRO A 110 -17.62 -0.63 -28.94
C PRO A 110 -17.08 -0.30 -30.32
N TRP A 111 -17.98 0.02 -31.25
CA TRP A 111 -17.61 0.37 -32.62
C TRP A 111 -16.57 1.49 -32.52
N PRO A 112 -15.90 1.83 -33.62
CA PRO A 112 -14.89 2.89 -33.62
C PRO A 112 -15.19 4.03 -32.64
N PRO A 113 -16.44 4.49 -32.60
CA PRO A 113 -16.74 5.58 -31.66
C PRO A 113 -16.92 5.07 -30.22
N CYS A 114 -15.90 5.25 -29.39
CA CYS A 114 -15.97 4.81 -28.00
C CYS A 114 -16.46 5.95 -27.12
N GLY A 115 -17.63 5.78 -26.50
CA GLY A 115 -18.17 6.80 -25.63
C GLY A 115 -17.63 6.71 -24.20
N TYR A 116 -17.33 7.87 -23.60
CA TYR A 116 -16.80 7.93 -22.24
C TYR A 116 -17.32 9.10 -21.43
N ARG A 117 -17.32 8.92 -20.11
CA ARG A 117 -17.72 9.97 -19.19
C ARG A 117 -16.63 10.01 -18.12
N ALA A 118 -16.30 11.22 -17.68
CA ALA A 118 -15.26 11.39 -16.68
C ALA A 118 -15.76 11.53 -15.26
N PHE A 119 -14.90 11.17 -14.32
CA PHE A 119 -15.19 11.25 -12.90
C PHE A 119 -13.91 11.62 -12.17
N LYS A 120 -13.89 12.81 -11.59
CA LYS A 120 -12.74 13.32 -10.88
C LYS A 120 -12.81 12.87 -9.43
N ASP A 121 -11.68 12.45 -8.88
CA ASP A 121 -11.61 12.01 -7.50
C ASP A 121 -10.21 12.25 -6.97
N PHE A 122 -10.04 12.04 -5.68
CA PHE A 122 -8.78 12.21 -4.99
C PHE A 122 -8.74 11.03 -4.02
N ARG A 123 -8.06 9.95 -4.40
CA ARG A 123 -8.01 8.74 -3.58
C ARG A 123 -6.61 8.14 -3.42
N TYR A 124 -6.51 7.16 -2.52
CA TYR A 124 -5.25 6.45 -2.31
C TYR A 124 -5.32 5.41 -3.41
N ILE A 125 -4.19 5.10 -4.03
CA ILE A 125 -4.21 4.13 -5.11
C ILE A 125 -3.44 2.85 -4.87
N VAL A 126 -3.78 1.82 -5.64
CA VAL A 126 -3.12 0.53 -5.56
C VAL A 126 -2.50 0.18 -6.90
N ILE A 127 -1.17 0.05 -6.94
CA ILE A 127 -0.50 -0.31 -8.17
C ILE A 127 0.28 -1.61 -7.98
N ALA A 128 0.86 -2.08 -9.08
CA ALA A 128 1.68 -3.28 -9.08
C ALA A 128 3.06 -2.78 -9.49
N CYS A 129 4.10 -3.27 -8.83
CA CYS A 129 5.46 -2.84 -9.15
C CYS A 129 6.34 -3.99 -9.59
N GLU A 130 7.29 -3.68 -10.47
CA GLU A 130 8.26 -4.64 -10.99
C GLU A 130 9.63 -3.99 -10.91
N ASP A 131 10.51 -4.59 -10.09
CA ASP A 131 11.86 -4.10 -9.93
C ASP A 131 11.94 -2.61 -9.65
N GLY A 132 11.03 -2.11 -8.82
CA GLY A 132 11.03 -0.71 -8.46
C GLY A 132 10.20 0.20 -9.35
N TRP A 133 9.62 -0.33 -10.41
CA TRP A 133 8.83 0.49 -11.32
C TRP A 133 7.37 0.08 -11.38
N PRO A 134 6.47 1.08 -11.45
CA PRO A 134 5.03 0.78 -11.53
C PRO A 134 4.77 0.12 -12.87
N VAL A 135 3.91 -0.89 -12.89
CA VAL A 135 3.61 -1.60 -14.14
C VAL A 135 2.13 -1.87 -14.31
N HIS A 136 1.37 -1.73 -13.23
CA HIS A 136 -0.06 -1.98 -13.30
C HIS A 136 -0.86 -1.16 -12.29
N PHE A 137 -2.04 -0.74 -12.70
CA PHE A 137 -2.93 0.05 -11.87
C PHE A 137 -4.17 -0.79 -11.59
N ASP A 138 -4.53 -0.92 -10.32
CA ASP A 138 -5.71 -1.70 -9.95
C ASP A 138 -6.97 -0.85 -9.96
N GLU A 139 -7.77 -1.00 -11.01
CA GLU A 139 -9.00 -0.22 -11.16
C GLU A 139 -10.11 -0.57 -10.17
N SER A 140 -10.16 -1.82 -9.72
CA SER A 140 -11.21 -2.24 -8.80
C SER A 140 -11.12 -1.63 -7.40
N PHE A 141 -9.92 -1.25 -7.00
CA PHE A 141 -9.71 -0.68 -5.67
C PHE A 141 -10.43 0.65 -5.48
N ILE A 142 -10.65 1.37 -6.57
CA ILE A 142 -11.31 2.66 -6.50
C ILE A 142 -12.72 2.63 -7.08
N SER A 143 -13.28 1.44 -7.25
CA SER A 143 -14.63 1.30 -7.79
C SER A 143 -15.67 1.98 -6.88
N PRO A 144 -15.50 1.88 -5.55
CA PRO A 144 -16.44 2.51 -4.62
C PRO A 144 -16.02 3.94 -4.29
N ASN B 26 7.57 -1.60 32.08
CA ASN B 26 7.65 -0.39 31.22
C ASN B 26 6.31 -0.13 30.54
N GLU B 27 5.80 1.10 30.69
CA GLU B 27 4.52 1.50 30.13
C GLU B 27 4.47 1.50 28.60
N ARG B 28 5.52 1.99 27.95
CA ARG B 28 5.55 2.03 26.49
C ARG B 28 5.99 0.69 25.91
N TYR B 29 6.49 -0.19 26.77
CA TYR B 29 6.91 -1.51 26.33
C TYR B 29 5.65 -2.32 26.08
N GLU B 30 4.65 -2.10 26.92
CA GLU B 30 3.37 -2.80 26.80
C GLU B 30 2.66 -2.41 25.51
N LYS B 31 2.68 -1.13 25.17
CA LYS B 31 2.05 -0.66 23.94
C LYS B 31 2.71 -1.37 22.76
N PHE B 32 4.03 -1.56 22.84
CA PHE B 32 4.79 -2.25 21.80
C PHE B 32 4.27 -3.68 21.63
N LEU B 33 4.07 -4.37 22.74
CA LEU B 33 3.57 -5.75 22.68
C LEU B 33 2.14 -5.76 22.16
N ARG B 34 1.35 -4.76 22.54
CA ARG B 34 -0.03 -4.68 22.10
C ARG B 34 -0.08 -4.55 20.57
N GLN B 35 0.75 -3.65 20.04
CA GLN B 35 0.77 -3.38 18.62
C GLN B 35 1.59 -4.29 17.70
N HIS B 36 2.71 -4.80 18.18
CA HIS B 36 3.57 -5.61 17.31
C HIS B 36 3.96 -7.02 17.73
N TYR B 37 3.25 -7.63 18.68
CA TYR B 37 3.62 -8.97 19.12
C TYR B 37 2.54 -10.04 19.10
N ASP B 38 2.73 -11.05 18.27
CA ASP B 38 1.80 -12.16 18.20
C ASP B 38 2.63 -13.43 18.10
N ALA B 39 2.76 -14.12 19.22
CA ALA B 39 3.57 -15.33 19.31
C ALA B 39 3.18 -16.45 18.36
N LYS B 40 1.91 -16.84 18.34
CA LYS B 40 1.49 -17.94 17.48
C LYS B 40 0.30 -17.59 16.61
N PRO B 41 0.55 -16.99 15.43
CA PRO B 41 -0.52 -16.60 14.52
C PRO B 41 -1.20 -17.79 13.87
N GLN B 42 -2.46 -17.59 13.49
CA GLN B 42 -3.25 -18.62 12.81
C GLN B 42 -3.80 -17.98 11.53
N GLY B 43 -3.58 -18.64 10.40
CA GLY B 43 -4.06 -18.10 9.13
C GLY B 43 -3.17 -17.01 8.54
N ARG B 44 -2.84 -16.01 9.33
CA ARG B 44 -2.00 -14.91 8.86
C ARG B 44 -2.52 -14.38 7.54
N ASP B 45 -3.83 -14.34 7.39
CA ASP B 45 -4.43 -13.83 6.16
C ASP B 45 -5.24 -12.57 6.48
N ASP B 46 -6.07 -12.14 5.53
CA ASP B 46 -6.88 -10.93 5.73
C ASP B 46 -7.71 -10.94 7.00
N ARG B 47 -8.41 -12.05 7.25
CA ARG B 47 -9.24 -12.14 8.46
C ARG B 47 -8.41 -12.09 9.75
N TYR B 48 -7.23 -12.68 9.70
CA TYR B 48 -6.33 -12.66 10.86
C TYR B 48 -6.06 -11.19 11.20
N CYS B 49 -5.78 -10.41 10.17
CA CYS B 49 -5.51 -8.99 10.34
C CYS B 49 -6.68 -8.19 10.89
N GLU B 50 -7.87 -8.39 10.34
CA GLU B 50 -9.03 -7.65 10.81
C GLU B 50 -9.49 -8.01 12.22
N SER B 51 -9.18 -9.23 12.67
CA SER B 51 -9.56 -9.61 14.02
C SER B 51 -8.47 -9.14 14.97
N MET B 52 -7.23 -9.22 14.51
CA MET B 52 -6.08 -8.80 15.34
C MET B 52 -6.08 -7.29 15.55
N MET B 53 -6.32 -6.53 14.47
CA MET B 53 -6.34 -5.07 14.56
C MET B 53 -7.45 -4.62 15.49
N LYS B 54 -8.58 -5.30 15.42
CA LYS B 54 -9.72 -4.98 16.27
C LYS B 54 -9.34 -5.31 17.70
N GLU B 55 -8.87 -6.55 17.90
CA GLU B 55 -8.48 -7.04 19.22
C GLU B 55 -7.44 -6.17 19.92
N ARG B 56 -6.45 -5.69 19.18
CA ARG B 56 -5.42 -4.85 19.78
C ARG B 56 -5.79 -3.37 19.86
N LYS B 57 -7.03 -3.05 19.53
CA LYS B 57 -7.51 -1.68 19.60
C LYS B 57 -6.74 -0.71 18.70
N LEU B 58 -6.74 -1.01 17.41
CA LEU B 58 -6.04 -0.20 16.43
C LEU B 58 -7.01 0.17 15.31
N THR B 59 -8.30 0.15 15.61
CA THR B 59 -9.32 0.45 14.61
C THR B 59 -10.11 1.76 14.77
N SER B 60 -9.77 2.58 15.77
CA SER B 60 -10.49 3.83 15.94
C SER B 60 -9.57 5.05 16.01
N PRO B 61 -9.23 5.63 14.85
CA PRO B 61 -9.65 5.20 13.51
C PRO B 61 -8.83 3.99 13.04
N CYS B 62 -9.03 3.60 11.79
CA CYS B 62 -8.29 2.47 11.23
C CYS B 62 -6.83 2.85 11.04
N LYS B 63 -5.91 2.18 11.74
CA LYS B 63 -4.49 2.48 11.58
C LYS B 63 -4.08 2.07 10.16
N ASP B 64 -3.38 2.95 9.47
CA ASP B 64 -2.94 2.71 8.09
C ASP B 64 -2.22 1.38 7.83
N VAL B 65 -1.17 1.12 8.60
CA VAL B 65 -0.40 -0.11 8.44
C VAL B 65 0.18 -0.51 9.80
N ASN B 66 0.26 -1.81 10.05
CA ASN B 66 0.78 -2.30 11.31
C ASN B 66 1.33 -3.71 11.17
N THR B 67 2.54 -3.92 11.66
CA THR B 67 3.21 -5.21 11.56
C THR B 67 3.29 -6.00 12.86
N PHE B 68 2.93 -7.27 12.76
CA PHE B 68 2.97 -8.19 13.87
C PHE B 68 4.19 -9.09 13.69
N ILE B 69 4.99 -9.21 14.74
CA ILE B 69 6.20 -10.03 14.74
C ILE B 69 5.89 -11.37 15.39
N HIS B 70 6.33 -12.45 14.74
CA HIS B 70 6.10 -13.78 15.28
C HIS B 70 7.39 -14.32 15.85
N GLY B 71 7.39 -14.54 17.16
CA GLY B 71 8.56 -15.03 17.84
C GLY B 71 8.39 -14.80 19.32
N THR B 72 9.30 -15.33 20.11
CA THR B 72 9.23 -15.14 21.55
C THR B 72 9.48 -13.68 21.88
N LYS B 73 8.75 -13.14 22.85
CA LYS B 73 8.95 -11.76 23.25
C LYS B 73 10.39 -11.71 23.77
N LYS B 74 10.85 -12.87 24.21
CA LYS B 74 12.19 -13.03 24.74
C LYS B 74 13.23 -12.70 23.66
N ASN B 75 13.02 -13.21 22.46
CA ASN B 75 13.96 -12.97 21.35
C ASN B 75 13.84 -11.57 20.77
N ILE B 76 12.65 -10.99 20.83
CA ILE B 76 12.41 -9.66 20.32
C ILE B 76 13.18 -8.67 21.20
N ARG B 77 13.03 -8.85 22.52
CA ARG B 77 13.74 -8.02 23.49
C ARG B 77 15.26 -8.20 23.37
N ALA B 78 15.71 -9.37 22.94
CA ALA B 78 17.14 -9.65 22.79
C ALA B 78 17.77 -8.78 21.69
N ILE B 79 16.95 -8.25 20.81
CA ILE B 79 17.46 -7.39 19.74
C ILE B 79 18.04 -6.12 20.39
N CYS B 80 17.52 -5.76 21.56
CA CYS B 80 18.01 -4.58 22.26
C CYS B 80 19.34 -4.94 22.89
N GLY B 81 19.64 -6.24 22.89
CA GLY B 81 20.89 -6.69 23.48
C GLY B 81 21.82 -7.46 22.57
N LYS B 82 22.21 -8.65 23.03
CA LYS B 82 23.15 -9.52 22.32
C LYS B 82 22.67 -10.03 20.96
N LYS B 83 21.36 -10.06 20.76
CA LYS B 83 20.80 -10.54 19.50
C LYS B 83 20.45 -9.41 18.54
N GLY B 84 21.16 -8.29 18.68
CA GLY B 84 20.93 -7.16 17.81
C GLY B 84 22.19 -6.36 17.61
N SER B 85 22.12 -5.37 16.71
CA SER B 85 23.26 -4.52 16.41
C SER B 85 22.78 -3.09 16.25
N PRO B 86 23.65 -2.13 16.60
CA PRO B 86 23.22 -0.74 16.46
C PRO B 86 23.00 -0.47 14.97
N TYR B 87 21.92 0.24 14.66
CA TYR B 87 21.60 0.58 13.28
C TYR B 87 21.31 2.05 13.26
N GLY B 88 22.33 2.84 13.56
CA GLY B 88 22.18 4.27 13.60
C GLY B 88 22.19 4.68 15.06
N GLU B 89 22.06 5.97 15.34
CA GLU B 89 22.07 6.46 16.71
C GLU B 89 20.85 6.06 17.53
N ASN B 90 19.71 5.88 16.89
CA ASN B 90 18.51 5.55 17.64
C ASN B 90 17.89 4.17 17.46
N PHE B 91 18.33 3.42 16.46
CA PHE B 91 17.75 2.10 16.25
C PHE B 91 18.70 0.93 16.38
N ARG B 92 18.12 -0.25 16.36
CA ARG B 92 18.83 -1.51 16.45
C ARG B 92 18.27 -2.41 15.36
N ILE B 93 19.13 -3.21 14.75
CA ILE B 93 18.69 -4.13 13.72
C ILE B 93 18.93 -5.56 14.23
N SER B 94 18.02 -6.46 13.93
CA SER B 94 18.15 -7.85 14.38
C SER B 94 19.25 -8.60 13.65
N ASN B 95 19.95 -9.48 14.35
CA ASN B 95 21.01 -10.25 13.74
C ASN B 95 20.44 -11.38 12.88
N SER B 96 19.18 -11.70 13.09
CA SER B 96 18.53 -12.74 12.30
C SER B 96 17.10 -12.31 11.92
N PRO B 97 16.54 -12.89 10.85
CA PRO B 97 15.20 -12.54 10.40
C PRO B 97 14.07 -13.10 11.27
N PHE B 98 12.90 -12.45 11.18
CA PHE B 98 11.72 -12.85 11.95
C PHE B 98 10.52 -13.05 11.03
N GLN B 99 9.61 -13.92 11.45
CA GLN B 99 8.40 -14.15 10.70
C GLN B 99 7.52 -12.97 11.12
N ILE B 100 6.89 -12.33 10.14
CA ILE B 100 6.05 -11.18 10.42
C ILE B 100 4.90 -11.10 9.42
N THR B 101 3.81 -10.45 9.84
CA THR B 101 2.64 -10.28 8.99
C THR B 101 2.26 -8.80 9.02
N THR B 102 2.33 -8.12 7.89
CA THR B 102 1.98 -6.71 7.83
C THR B 102 0.49 -6.56 7.49
N CYS B 103 -0.22 -5.76 8.26
CA CYS B 103 -1.63 -5.55 8.02
C CYS B 103 -1.79 -4.13 7.50
N THR B 104 -2.32 -4.02 6.29
CA THR B 104 -2.52 -2.72 5.66
C THR B 104 -3.99 -2.42 5.46
N HIS B 105 -4.38 -1.19 5.78
CA HIS B 105 -5.77 -0.77 5.65
C HIS B 105 -6.19 -0.50 4.22
N SER B 106 -7.43 -0.83 3.89
CA SER B 106 -7.96 -0.58 2.57
C SER B 106 -8.44 0.86 2.56
N ARG B 107 -7.49 1.81 2.60
CA ARG B 107 -7.84 3.23 2.61
C ARG B 107 -9.07 3.48 1.75
N GLY B 108 -10.22 3.50 2.41
CA GLY B 108 -11.49 3.69 1.74
C GLY B 108 -12.53 2.97 2.59
N SER B 109 -13.45 3.75 3.15
CA SER B 109 -14.52 3.25 4.00
C SER B 109 -14.09 3.17 5.47
N PRO B 110 -13.53 4.27 6.03
CA PRO B 110 -13.09 4.29 7.43
C PRO B 110 -14.28 3.94 8.31
N TRP B 111 -15.38 3.62 7.64
CA TRP B 111 -16.64 3.23 8.26
C TRP B 111 -16.32 2.05 9.18
N PRO B 112 -16.95 2.01 10.37
CA PRO B 112 -16.75 0.97 11.38
C PRO B 112 -15.88 -0.24 11.01
N PRO B 113 -16.33 -1.07 10.05
CA PRO B 113 -15.50 -2.23 9.71
C PRO B 113 -14.24 -1.81 8.95
N CYS B 114 -13.09 -1.87 9.62
CA CYS B 114 -11.82 -1.52 8.97
C CYS B 114 -11.34 -2.69 8.12
N GLY B 115 -11.17 -2.44 6.83
CA GLY B 115 -10.69 -3.49 5.94
C GLY B 115 -9.17 -3.60 5.98
N TYR B 116 -8.66 -4.82 5.89
CA TYR B 116 -7.22 -5.06 5.92
C TYR B 116 -6.78 -6.18 4.99
N ARG B 117 -5.57 -6.03 4.45
CA ARG B 117 -4.98 -7.04 3.58
C ARG B 117 -3.71 -7.48 4.31
N ALA B 118 -3.42 -8.77 4.26
CA ALA B 118 -2.24 -9.29 4.95
C ALA B 118 -1.08 -9.53 4.01
N PHE B 119 0.12 -9.37 4.53
CA PHE B 119 1.33 -9.62 3.77
C PHE B 119 2.35 -10.30 4.65
N LYS B 120 2.58 -11.59 4.39
CA LYS B 120 3.53 -12.39 5.16
C LYS B 120 4.94 -12.19 4.63
N ASP B 121 5.89 -12.08 5.55
CA ASP B 121 7.27 -11.92 5.14
C ASP B 121 8.20 -12.52 6.19
N PHE B 122 9.47 -12.62 5.83
CA PHE B 122 10.50 -13.16 6.69
C PHE B 122 11.61 -12.13 6.45
N ARG B 123 11.83 -11.26 7.42
CA ARG B 123 12.81 -10.18 7.24
C ARG B 123 13.56 -9.82 8.50
N TYR B 124 14.67 -9.10 8.31
CA TYR B 124 15.44 -8.60 9.43
C TYR B 124 14.63 -7.38 9.83
N ILE B 125 14.51 -7.13 11.13
CA ILE B 125 13.71 -5.99 11.57
C ILE B 125 14.48 -4.93 12.33
N VAL B 126 13.92 -3.73 12.34
CA VAL B 126 14.51 -2.59 13.02
C VAL B 126 13.56 -2.02 14.07
N ILE B 127 14.08 -1.81 15.28
CA ILE B 127 13.28 -1.27 16.38
C ILE B 127 14.08 -0.24 17.17
N ALA B 128 13.39 0.50 18.02
CA ALA B 128 14.04 1.48 18.88
C ALA B 128 13.93 0.92 20.29
N CYS B 129 15.02 0.99 21.05
CA CYS B 129 15.04 0.49 22.41
C CYS B 129 15.27 1.61 23.43
N GLU B 130 14.60 1.49 24.59
CA GLU B 130 14.73 2.45 25.67
C GLU B 130 15.32 1.63 26.82
N ASP B 131 16.62 1.78 27.03
CA ASP B 131 17.35 1.05 28.07
C ASP B 131 16.94 -0.42 28.16
N GLY B 132 17.25 -1.19 27.12
CA GLY B 132 16.93 -2.60 27.11
C GLY B 132 15.52 -2.99 26.77
N TRP B 133 14.68 -2.01 26.45
CA TRP B 133 13.28 -2.30 26.11
C TRP B 133 12.86 -1.78 24.75
N PRO B 134 12.20 -2.63 23.95
CA PRO B 134 11.72 -2.22 22.62
C PRO B 134 10.49 -1.35 22.82
N VAL B 135 10.46 -0.20 22.15
CA VAL B 135 9.33 0.71 22.29
C VAL B 135 8.79 1.14 20.93
N HIS B 136 9.57 0.93 19.88
CA HIS B 136 9.15 1.31 18.55
C HIS B 136 9.59 0.34 17.47
N PHE B 137 8.70 0.08 16.52
CA PHE B 137 8.97 -0.81 15.40
C PHE B 137 8.94 0.05 14.14
N ASP B 138 10.01 0.00 13.36
CA ASP B 138 10.10 0.79 12.15
C ASP B 138 9.48 0.10 10.92
N GLU B 139 8.26 0.51 10.59
CA GLU B 139 7.53 -0.04 9.43
C GLU B 139 8.17 0.29 8.10
N SER B 140 8.94 1.37 8.05
CA SER B 140 9.56 1.77 6.79
C SER B 140 10.68 0.88 6.35
N PHE B 141 11.46 0.36 7.31
CA PHE B 141 12.60 -0.50 6.97
C PHE B 141 12.17 -1.73 6.16
N ILE B 142 10.97 -2.24 6.42
CA ILE B 142 10.49 -3.42 5.71
C ILE B 142 9.40 -3.10 4.68
N SER B 143 9.31 -1.85 4.24
CA SER B 143 8.27 -1.49 3.28
C SER B 143 8.55 -1.97 1.86
N PRO B 144 9.53 -1.37 1.17
CA PRO B 144 9.85 -1.78 -0.21
C PRO B 144 9.85 -3.29 -0.37
#